data_7MLX
#
_entry.id   7MLX
#
_cell.length_a   76.833
_cell.length_b   143.240
_cell.length_c   133.641
_cell.angle_alpha   90.000
_cell.angle_beta   90.000
_cell.angle_gamma   90.000
#
_symmetry.space_group_name_H-M   'C 2 2 21'
#
loop_
_entity.id
_entity.type
_entity.pdbx_description
1 polymer 'BL3-6 Fab Heavy Chain'
2 polymer 'BL3-6 Fab Light Chain'
3 polymer 'RNA (65-MER)'
4 water water
#
loop_
_entity_poly.entity_id
_entity_poly.type
_entity_poly.pdbx_seq_one_letter_code
_entity_poly.pdbx_strand_id
1 'polypeptide(L)'
;EISEVQLVESGGGLVQPGGSLRLSCAASGFYISYSSIHWVRQAPGKGLEWVASISPYSGSTYYADSVKGRFTISADTSKN
TAYLQMNSLRAEDTAVYYCARQGYRRRSGRGFDYWGQGTLVTVSSASTKGPSVFPLAPSSKSTSGGTAALGCLVKDYFPE
PVTVSWNSGALTSGVHTFPAVLQSSGLYSLSSVVTVPSSSLGTQTYICNVNHKPSNTKVDKKVEPKSCDKTHT
;
H
2 'polypeptide(L)'
;SDIQMTQSPSSLSASVGDRVTITCRASQSVSSAVAWYQQKPGKAPKLLIYSASSLYSGVPSRFSGSRSGTDFTLTISSLQ
PEDFATYYCQQSYSFPNTFGEGTKVEIKRTVAAPSVFIFPPSDEQLKSGTASVVCLLNNFYPREAKVQWKVDNALQSGNS
QESVTEQDSADSTYSLSSTLTLSKADYEKHKVYACEVTHQGLSSPVTKSFNRGEC
;
L
3 'polyribonucleotide' GGCGGUGUAAGUGCAGCCCGUCUUACACCGUGCGGCACAGAAACACUGAUGUCGUAUACAGGGCG R
#
# COMPACT_ATOMS: atom_id res chain seq x y z
N GLU A 4 11.66 12.44 19.78
CA GLU A 4 11.07 13.37 20.74
C GLU A 4 9.60 13.71 20.36
N VAL A 5 9.34 14.05 19.09
CA VAL A 5 8.00 14.38 18.64
C VAL A 5 7.26 13.10 18.26
N GLN A 6 6.04 12.93 18.80
CA GLN A 6 5.19 11.81 18.41
C GLN A 6 3.81 12.33 18.02
N LEU A 7 3.19 11.66 17.03
CA LEU A 7 1.82 11.93 16.62
C LEU A 7 1.08 10.60 16.47
N VAL A 8 0.06 10.37 17.29
CA VAL A 8 -0.67 9.10 17.31
C VAL A 8 -2.12 9.36 16.89
N GLU A 9 -2.54 8.77 15.79
CA GLU A 9 -3.89 8.95 15.28
C GLU A 9 -4.80 7.81 15.72
N SER A 10 -6.09 8.13 15.82
CA SER A 10 -7.11 7.11 16.07
C SER A 10 -8.45 7.63 15.56
N GLY A 11 -9.45 6.73 15.53
CA GLY A 11 -10.80 7.07 15.14
C GLY A 11 -11.22 6.60 13.76
N GLY A 12 -10.34 5.96 13.00
CA GLY A 12 -10.73 5.44 11.71
C GLY A 12 -11.69 4.28 11.82
N GLY A 13 -12.19 3.84 10.68
CA GLY A 13 -13.02 2.65 10.60
C GLY A 13 -14.01 2.76 9.46
N LEU A 14 -15.02 1.91 9.53
CA LEU A 14 -16.04 1.77 8.51
C LEU A 14 -17.32 2.48 8.93
N VAL A 15 -17.86 3.31 8.04
CA VAL A 15 -19.19 3.87 8.21
C VAL A 15 -19.89 3.78 6.87
N GLN A 16 -21.22 3.82 6.92
CA GLN A 16 -22.01 3.87 5.70
C GLN A 16 -21.96 5.26 5.08
N PRO A 17 -22.30 5.37 3.79
CA PRO A 17 -22.45 6.69 3.18
C PRO A 17 -23.42 7.55 3.97
N GLY A 18 -23.07 8.83 4.11
CA GLY A 18 -23.83 9.76 4.94
C GLY A 18 -23.49 9.74 6.42
N GLY A 19 -22.58 8.88 6.85
CA GLY A 19 -22.22 8.76 8.25
C GLY A 19 -21.18 9.77 8.69
N SER A 20 -20.74 9.60 9.94
CA SER A 20 -19.87 10.57 10.61
C SER A 20 -18.82 9.84 11.44
N LEU A 21 -17.61 10.38 11.44
CA LEU A 21 -16.52 9.91 12.30
C LEU A 21 -15.76 11.13 12.80
N ARG A 22 -15.02 10.96 13.89
CA ARG A 22 -14.10 11.99 14.34
C ARG A 22 -12.71 11.37 14.48
N LEU A 23 -11.74 11.92 13.75
CA LEU A 23 -10.37 11.45 13.87
C LEU A 23 -9.64 12.29 14.91
N SER A 24 -8.73 11.65 15.63
CA SER A 24 -7.89 12.29 16.62
C SER A 24 -6.43 12.10 16.27
N CYS A 25 -5.64 13.11 16.64
CA CYS A 25 -4.19 13.12 16.48
C CYS A 25 -3.61 13.65 17.79
N ALA A 26 -3.07 12.75 18.61
CA ALA A 26 -2.53 13.08 19.93
C ALA A 26 -1.04 13.31 19.82
N ALA A 27 -0.59 14.50 20.20
CA ALA A 27 0.79 14.94 19.99
C ALA A 27 1.57 14.91 21.30
N SER A 28 2.86 14.58 21.19
CA SER A 28 3.78 14.89 22.28
C SER A 28 5.10 15.40 21.72
N GLY A 29 5.90 16.00 22.60
CA GLY A 29 7.18 16.58 22.25
C GLY A 29 7.13 18.05 21.85
N PHE A 30 5.94 18.63 21.71
CA PHE A 30 5.74 20.01 21.31
C PHE A 30 4.28 20.36 21.59
N TYR A 31 4.02 21.65 21.82
CA TYR A 31 2.67 22.15 22.03
C TYR A 31 2.03 22.50 20.70
N ILE A 32 0.88 21.89 20.40
CA ILE A 32 0.28 22.09 19.08
C ILE A 32 -0.14 23.54 18.85
N SER A 33 -0.27 24.35 19.92
CA SER A 33 -0.70 25.74 19.80
C SER A 33 0.21 26.59 18.92
N TYR A 34 1.49 26.23 18.77
CA TYR A 34 2.45 27.12 18.15
C TYR A 34 2.87 26.63 16.76
N SER A 35 2.12 25.66 16.20
CA SER A 35 2.34 25.09 14.88
C SER A 35 1.04 25.14 14.10
N SER A 36 1.14 25.16 12.77
CA SER A 36 -0.01 24.79 11.95
C SER A 36 -0.15 23.27 11.95
N ILE A 37 -1.36 22.76 12.14
CA ILE A 37 -1.62 21.33 12.05
C ILE A 37 -2.46 21.06 10.80
N HIS A 38 -2.09 20.03 10.03
CA HIS A 38 -2.80 19.69 8.79
C HIS A 38 -3.31 18.26 8.82
N TRP A 39 -4.37 18.02 8.07
CA TRP A 39 -4.81 16.68 7.70
C TRP A 39 -4.67 16.52 6.19
N VAL A 40 -4.12 15.36 5.82
CA VAL A 40 -3.81 14.96 4.45
C VAL A 40 -4.29 13.52 4.27
N ARG A 41 -4.96 13.22 3.17
CA ARG A 41 -5.46 11.86 2.99
C ARG A 41 -4.88 11.24 1.73
N GLN A 42 -4.95 9.92 1.67
CA GLN A 42 -4.43 9.15 0.55
C GLN A 42 -5.38 8.00 0.27
N ALA A 43 -6.12 8.09 -0.83
CA ALA A 43 -6.95 6.96 -1.25
C ALA A 43 -6.05 5.80 -1.67
N PRO A 44 -6.51 4.56 -1.50
CA PRO A 44 -5.64 3.41 -1.78
C PRO A 44 -5.16 3.42 -3.22
N GLY A 45 -3.85 3.27 -3.39
CA GLY A 45 -3.21 3.36 -4.69
C GLY A 45 -3.11 4.73 -5.30
N LYS A 46 -3.58 5.78 -4.64
CA LYS A 46 -3.54 7.12 -5.23
C LYS A 46 -2.53 8.03 -4.49
N GLY A 47 -2.49 9.30 -4.90
CA GLY A 47 -1.53 10.24 -4.34
C GLY A 47 -2.03 10.93 -3.08
N LEU A 48 -1.18 11.81 -2.55
CA LEU A 48 -1.52 12.59 -1.37
C LEU A 48 -2.49 13.71 -1.75
N GLU A 49 -3.46 13.97 -0.86
CA GLU A 49 -4.44 15.03 -1.08
C GLU A 49 -4.62 15.78 0.23
N TRP A 50 -4.35 17.08 0.21
CA TRP A 50 -4.50 17.89 1.40
C TRP A 50 -5.99 18.06 1.71
N VAL A 51 -6.34 17.96 2.99
CA VAL A 51 -7.72 18.00 3.45
C VAL A 51 -8.03 19.29 4.21
N ALA A 52 -7.21 19.64 5.21
CA ALA A 52 -7.62 20.73 6.11
C ALA A 52 -6.44 21.19 6.94
N SER A 53 -6.53 22.39 7.50
CA SER A 53 -5.45 22.90 8.34
C SER A 53 -5.98 23.93 9.32
N ILE A 54 -5.26 24.07 10.44
CA ILE A 54 -5.56 25.11 11.42
C ILE A 54 -4.27 25.82 11.78
N SER A 55 -4.34 27.21 11.82
CA SER A 55 -3.21 28.10 12.02
C SER A 55 -3.02 28.42 13.50
N PRO A 56 -1.78 28.65 13.92
CA PRO A 56 -1.55 29.06 15.31
C PRO A 56 -1.98 30.50 15.54
N TYR A 57 -2.24 30.82 16.81
CA TYR A 57 -2.51 32.17 17.28
C TYR A 57 -3.84 32.72 16.80
N SER A 58 -4.14 32.60 15.51
CA SER A 58 -5.45 32.99 14.99
C SER A 58 -6.50 31.90 15.16
N GLY A 59 -6.11 30.62 15.12
CA GLY A 59 -7.11 29.57 14.98
C GLY A 59 -7.82 29.53 13.64
N SER A 60 -7.36 30.29 12.64
CA SER A 60 -7.96 30.24 11.31
C SER A 60 -7.89 28.83 10.74
N THR A 61 -8.96 28.41 10.08
CA THR A 61 -9.08 27.08 9.51
C THR A 61 -9.29 27.17 8.00
N TYR A 62 -8.79 26.15 7.29
CA TYR A 62 -8.84 26.08 5.83
C TYR A 62 -9.18 24.66 5.40
N TYR A 63 -9.90 24.54 4.28
CA TYR A 63 -10.43 23.26 3.83
C TYR A 63 -10.25 23.05 2.34
N ALA A 64 -10.08 21.79 1.95
CA ALA A 64 -10.16 21.46 0.53
C ALA A 64 -11.60 21.69 0.02
N ASP A 65 -11.69 21.99 -1.28
CA ASP A 65 -13.00 22.24 -1.88
C ASP A 65 -13.94 21.05 -1.72
N SER A 66 -13.42 19.83 -1.88
CA SER A 66 -14.24 18.63 -1.80
C SER A 66 -14.86 18.42 -0.42
N VAL A 67 -14.28 18.97 0.64
CA VAL A 67 -14.73 18.68 2.01
C VAL A 67 -15.37 19.87 2.71
N LYS A 68 -15.37 21.06 2.09
CA LYS A 68 -15.89 22.25 2.76
C LYS A 68 -17.36 22.09 3.12
N GLY A 69 -17.72 22.50 4.33
CA GLY A 69 -19.06 22.30 4.84
C GLY A 69 -19.32 20.95 5.48
N ARG A 70 -18.51 19.94 5.20
CA ARG A 70 -18.69 18.61 5.78
C ARG A 70 -17.67 18.26 6.86
N PHE A 71 -16.43 18.77 6.77
CA PHE A 71 -15.36 18.47 7.71
C PHE A 71 -15.05 19.71 8.56
N THR A 72 -14.70 19.48 9.82
CA THR A 72 -14.26 20.54 10.72
C THR A 72 -12.97 20.12 11.40
N ILE A 73 -11.93 20.93 11.27
CA ILE A 73 -10.68 20.66 11.96
C ILE A 73 -10.65 21.50 13.22
N SER A 74 -10.12 20.94 14.30
CA SER A 74 -10.09 21.68 15.56
C SER A 74 -8.91 21.21 16.41
N ALA A 75 -8.66 21.94 17.48
CA ALA A 75 -7.57 21.61 18.38
C ALA A 75 -8.01 21.82 19.83
N ASP A 76 -7.63 20.87 20.68
CA ASP A 76 -7.83 20.95 22.12
C ASP A 76 -6.45 21.18 22.74
N THR A 77 -6.24 22.42 23.22
CA THR A 77 -4.98 22.83 23.84
C THR A 77 -4.72 22.07 25.15
N SER A 78 -5.76 21.78 25.91
CA SER A 78 -5.57 21.11 27.19
C SER A 78 -5.19 19.64 27.03
N LYS A 79 -5.53 19.01 25.91
CA LYS A 79 -5.16 17.62 25.64
C LYS A 79 -4.04 17.49 24.63
N ASN A 80 -3.53 18.62 24.12
CA ASN A 80 -2.54 18.65 23.04
C ASN A 80 -2.95 17.72 21.91
N THR A 81 -4.22 17.83 21.51
CA THR A 81 -4.78 16.90 20.53
C THR A 81 -5.51 17.68 19.45
N ALA A 82 -5.32 17.28 18.20
CA ALA A 82 -6.08 17.87 17.11
C ALA A 82 -7.10 16.86 16.60
N TYR A 83 -8.12 17.37 15.93
CA TYR A 83 -9.29 16.59 15.56
C TYR A 83 -9.72 16.95 14.16
N LEU A 84 -10.34 15.97 13.50
CA LEU A 84 -11.01 16.16 12.22
C LEU A 84 -12.38 15.51 12.31
N GLN A 85 -13.43 16.32 12.45
CA GLN A 85 -14.82 15.85 12.45
C GLN A 85 -15.28 15.71 11.01
N MET A 86 -15.67 14.51 10.62
CA MET A 86 -16.08 14.22 9.24
C MET A 86 -17.57 13.83 9.25
N ASN A 87 -18.40 14.66 8.65
CA ASN A 87 -19.83 14.43 8.53
C ASN A 87 -20.20 14.16 7.08
N SER A 88 -21.34 13.50 6.90
CA SER A 88 -21.92 13.28 5.57
C SER A 88 -20.93 12.60 4.64
N LEU A 89 -20.33 11.52 5.13
CA LEU A 89 -19.23 10.90 4.41
C LEU A 89 -19.71 10.26 3.10
N ARG A 90 -18.82 10.25 2.10
CA ARG A 90 -19.08 9.65 0.80
C ARG A 90 -18.04 8.60 0.48
N ALA A 91 -18.38 7.76 -0.50
CA ALA A 91 -17.46 6.70 -0.93
C ALA A 91 -16.10 7.26 -1.29
N GLU A 92 -16.05 8.43 -1.95
CA GLU A 92 -14.77 9.00 -2.36
C GLU A 92 -13.95 9.55 -1.20
N ASP A 93 -14.49 9.60 0.02
CA ASP A 93 -13.69 9.96 1.20
C ASP A 93 -12.91 8.78 1.77
N THR A 94 -13.14 7.56 1.27
CA THR A 94 -12.37 6.40 1.71
C THR A 94 -10.89 6.61 1.46
N ALA A 95 -10.08 6.54 2.52
CA ALA A 95 -8.65 6.85 2.39
C ALA A 95 -7.97 6.62 3.73
N VAL A 96 -6.65 6.50 3.69
CA VAL A 96 -5.85 6.66 4.91
C VAL A 96 -5.71 8.16 5.18
N TYR A 97 -6.04 8.58 6.40
CA TYR A 97 -5.95 9.97 6.81
C TYR A 97 -4.74 10.16 7.73
N TYR A 98 -3.90 11.14 7.43
CA TYR A 98 -2.73 11.50 8.21
C TYR A 98 -2.92 12.88 8.84
N CYS A 99 -2.48 13.02 10.08
CA CYS A 99 -2.21 14.36 10.59
C CYS A 99 -0.73 14.67 10.37
N ALA A 100 -0.41 15.96 10.27
CA ALA A 100 0.96 16.37 10.03
C ALA A 100 1.20 17.71 10.70
N ARG A 101 2.40 17.86 11.22
CA ARG A 101 2.84 19.13 11.77
C ARG A 101 3.57 19.88 10.67
N GLN A 102 3.11 21.10 10.38
CA GLN A 102 3.95 22.00 9.62
C GLN A 102 5.07 22.48 10.54
N GLY A 103 6.31 22.42 10.06
CA GLY A 103 7.47 22.70 10.88
C GLY A 103 7.61 24.17 11.26
N TYR A 104 8.66 24.45 12.01
CA TYR A 104 8.95 25.82 12.41
C TYR A 104 9.58 26.58 11.23
N ARG A 105 9.09 27.80 11.03
CA ARG A 105 9.42 28.57 9.83
C ARG A 105 10.92 28.68 9.60
N ARG A 106 11.68 29.02 10.65
CA ARG A 106 13.12 29.23 10.47
C ARG A 106 13.92 27.92 10.41
N ARG A 107 13.29 26.77 10.67
CA ARG A 107 13.99 25.50 10.64
C ARG A 107 13.68 24.66 9.42
N SER A 108 12.43 24.69 8.94
CA SER A 108 12.07 23.86 7.78
C SER A 108 10.99 24.52 6.94
N GLY A 109 10.98 25.85 6.89
CA GLY A 109 10.06 26.55 6.01
C GLY A 109 8.62 26.22 6.32
N ARG A 110 7.90 25.78 5.29
CA ARG A 110 6.53 25.31 5.44
C ARG A 110 6.42 23.81 5.26
N GLY A 111 7.56 23.09 5.25
CA GLY A 111 7.51 21.64 5.08
C GLY A 111 6.86 20.96 6.27
N PHE A 112 6.15 19.87 5.99
CA PHE A 112 5.51 19.08 7.05
C PHE A 112 6.55 18.11 7.62
N ASP A 113 7.13 18.44 8.79
CA ASP A 113 8.26 17.65 9.28
C ASP A 113 7.86 16.42 10.09
N TYR A 114 6.71 16.39 10.77
CA TYR A 114 6.31 15.16 11.45
C TYR A 114 4.91 14.73 11.01
N TRP A 115 4.71 13.41 10.88
CA TRP A 115 3.46 12.84 10.38
C TRP A 115 2.96 11.78 11.35
N GLY A 116 1.65 11.74 11.56
CA GLY A 116 1.03 10.62 12.25
C GLY A 116 1.17 9.33 11.45
N GLN A 117 0.81 8.21 12.08
CA GLN A 117 0.97 6.90 11.44
C GLN A 117 -0.10 6.61 10.40
N GLY A 118 -1.21 7.35 10.41
CA GLY A 118 -2.26 7.16 9.44
C GLY A 118 -3.40 6.34 10.01
N THR A 119 -4.66 6.68 9.69
CA THR A 119 -5.81 5.89 10.14
C THR A 119 -6.77 5.68 8.96
N LEU A 120 -7.24 4.46 8.77
CA LEU A 120 -8.00 4.12 7.56
C LEU A 120 -9.49 4.42 7.75
N VAL A 121 -10.08 5.14 6.81
CA VAL A 121 -11.51 5.43 6.83
C VAL A 121 -12.13 4.79 5.59
N THR A 122 -13.14 3.95 5.80
CA THR A 122 -13.86 3.29 4.70
C THR A 122 -15.33 3.71 4.76
N VAL A 123 -15.83 4.19 3.64
CA VAL A 123 -17.24 4.58 3.53
C VAL A 123 -17.89 3.60 2.55
N SER A 124 -18.79 2.77 3.06
CA SER A 124 -19.42 1.77 2.21
C SER A 124 -20.63 1.18 2.91
N SER A 125 -21.59 0.73 2.11
CA SER A 125 -22.80 0.10 2.61
C SER A 125 -22.61 -1.38 2.90
N ALA A 126 -21.53 -2.00 2.43
CA ALA A 126 -21.33 -3.43 2.67
C ALA A 126 -21.10 -3.71 4.16
N SER A 127 -21.54 -4.89 4.59
CA SER A 127 -21.45 -5.26 5.99
C SER A 127 -20.08 -5.87 6.30
N THR A 128 -19.63 -5.63 7.53
CA THR A 128 -18.41 -6.26 8.02
C THR A 128 -18.51 -7.78 7.93
N LYS A 129 -17.43 -8.44 7.52
CA LYS A 129 -17.39 -9.90 7.54
C LYS A 129 -15.96 -10.35 7.77
N GLY A 130 -15.77 -11.31 8.67
CA GLY A 130 -14.47 -11.87 8.93
C GLY A 130 -14.11 -12.95 7.92
N PRO A 131 -12.83 -13.19 7.70
CA PRO A 131 -12.41 -14.13 6.65
C PRO A 131 -12.46 -15.58 7.08
N SER A 132 -12.47 -16.45 6.08
CA SER A 132 -12.11 -17.86 6.22
C SER A 132 -10.67 -18.00 5.80
N VAL A 133 -9.92 -18.87 6.48
CA VAL A 133 -8.50 -19.05 6.21
C VAL A 133 -8.26 -20.51 5.83
N PHE A 134 -7.71 -20.72 4.64
CA PHE A 134 -7.45 -22.05 4.14
C PHE A 134 -5.96 -22.23 3.90
N PRO A 135 -5.41 -23.43 4.13
CA PRO A 135 -3.98 -23.64 3.89
C PRO A 135 -3.69 -23.75 2.41
N LEU A 136 -2.47 -23.36 2.05
CA LEU A 136 -1.90 -23.65 0.73
C LEU A 136 -0.76 -24.63 0.99
N ALA A 137 -1.05 -25.92 0.77
CA ALA A 137 -0.20 -26.98 1.28
C ALA A 137 1.15 -27.00 0.56
N PRO A 138 2.22 -27.35 1.28
CA PRO A 138 3.58 -27.30 0.70
C PRO A 138 3.69 -28.00 -0.64
N SER A 139 4.33 -27.32 -1.58
CA SER A 139 4.51 -27.77 -2.95
C SER A 139 5.53 -28.90 -3.03
N THR A 147 13.81 -26.15 -2.29
CA THR A 147 12.97 -25.09 -1.74
C THR A 147 11.49 -25.39 -1.97
N ALA A 148 10.67 -25.18 -0.94
CA ALA A 148 9.24 -25.42 -1.02
C ALA A 148 8.48 -24.12 -0.77
N ALA A 149 7.31 -24.00 -1.41
CA ALA A 149 6.41 -22.89 -1.18
C ALA A 149 5.20 -23.39 -0.41
N LEU A 150 4.72 -22.57 0.52
CA LEU A 150 3.51 -22.86 1.27
C LEU A 150 2.86 -21.53 1.62
N GLY A 151 1.62 -21.57 2.07
CA GLY A 151 0.92 -20.34 2.33
C GLY A 151 -0.44 -20.56 2.93
N CYS A 152 -1.19 -19.45 3.01
CA CYS A 152 -2.56 -19.41 3.49
C CYS A 152 -3.38 -18.53 2.55
N LEU A 153 -4.60 -18.95 2.29
CA LEU A 153 -5.57 -18.16 1.55
C LEU A 153 -6.57 -17.56 2.54
N VAL A 154 -6.71 -16.25 2.52
CA VAL A 154 -7.54 -15.49 3.44
C VAL A 154 -8.69 -14.94 2.60
N LYS A 155 -9.87 -15.53 2.75
CA LYS A 155 -10.92 -15.38 1.76
C LYS A 155 -12.18 -14.78 2.34
N ASP A 156 -12.79 -13.85 1.61
CA ASP A 156 -14.14 -13.38 1.86
C ASP A 156 -14.25 -12.53 3.13
N TYR A 157 -13.62 -11.37 3.14
CA TYR A 157 -13.73 -10.49 4.29
C TYR A 157 -13.99 -9.07 3.83
N PHE A 158 -14.52 -8.27 4.76
CA PHE A 158 -14.76 -6.86 4.50
C PHE A 158 -14.88 -6.18 5.86
N PRO A 159 -14.33 -4.98 6.03
CA PRO A 159 -13.51 -4.23 5.07
C PRO A 159 -12.03 -4.58 5.18
N GLU A 160 -11.18 -3.85 4.45
CA GLU A 160 -9.74 -3.88 4.71
C GLU A 160 -9.47 -3.36 6.13
N PRO A 161 -8.33 -3.73 6.73
CA PRO A 161 -7.32 -4.66 6.24
C PRO A 161 -7.32 -5.97 7.03
N VAL A 162 -6.61 -6.98 6.54
CA VAL A 162 -6.16 -8.09 7.37
C VAL A 162 -4.67 -7.94 7.58
N THR A 163 -4.16 -8.48 8.67
CA THR A 163 -2.73 -8.63 8.86
C THR A 163 -2.40 -10.12 8.86
N VAL A 164 -1.27 -10.49 8.27
CA VAL A 164 -0.79 -11.87 8.30
C VAL A 164 0.66 -11.87 8.79
N SER A 165 0.93 -12.70 9.78
CA SER A 165 2.30 -13.06 10.14
C SER A 165 2.44 -14.58 10.09
N TRP A 166 3.68 -15.05 10.18
CA TRP A 166 3.99 -16.46 10.19
C TRP A 166 4.73 -16.83 11.47
N ASN A 167 4.27 -17.88 12.13
CA ASN A 167 4.89 -18.39 13.35
C ASN A 167 5.06 -17.28 14.38
N SER A 168 4.00 -16.48 14.54
CA SER A 168 3.95 -15.38 15.51
C SER A 168 5.10 -14.39 15.31
N GLY A 169 5.45 -14.11 14.06
CA GLY A 169 6.47 -13.14 13.75
C GLY A 169 7.88 -13.69 13.64
N ALA A 170 8.10 -14.94 14.02
CA ALA A 170 9.45 -15.51 13.94
C ALA A 170 9.88 -15.79 12.50
N LEU A 171 8.93 -15.89 11.56
CA LEU A 171 9.24 -16.18 10.15
C LEU A 171 8.91 -14.96 9.31
N THR A 172 9.94 -14.29 8.80
CA THR A 172 9.72 -13.08 8.00
C THR A 172 10.43 -13.15 6.65
N SER A 173 11.60 -13.77 6.60
CA SER A 173 12.32 -13.85 5.34
C SER A 173 11.60 -14.79 4.38
N GLY A 174 11.53 -14.39 3.11
CA GLY A 174 10.85 -15.17 2.09
C GLY A 174 9.33 -15.07 2.09
N VAL A 175 8.75 -14.24 2.96
CA VAL A 175 7.30 -14.09 3.04
C VAL A 175 6.82 -13.08 2.01
N HIS A 176 5.72 -13.40 1.33
CA HIS A 176 5.05 -12.46 0.44
C HIS A 176 3.56 -12.46 0.79
N THR A 177 3.09 -11.35 1.35
CA THR A 177 1.67 -11.15 1.59
C THR A 177 1.15 -10.24 0.49
N PHE A 178 0.24 -10.77 -0.32
CA PHE A 178 -0.15 -10.04 -1.51
C PHE A 178 -1.23 -9.01 -1.18
N PRO A 179 -1.32 -7.93 -1.96
CA PRO A 179 -2.45 -7.00 -1.77
C PRO A 179 -3.76 -7.72 -2.04
N ALA A 180 -4.79 -7.33 -1.30
CA ALA A 180 -6.11 -7.93 -1.47
C ALA A 180 -6.70 -7.55 -2.83
N VAL A 181 -7.48 -8.48 -3.39
CA VAL A 181 -8.30 -8.21 -4.56
C VAL A 181 -9.77 -8.25 -4.14
N LEU A 182 -10.54 -7.32 -4.68
CA LEU A 182 -11.98 -7.31 -4.44
C LEU A 182 -12.64 -8.29 -5.41
N GLN A 183 -13.39 -9.25 -4.86
CA GLN A 183 -14.09 -10.19 -5.71
C GLN A 183 -15.39 -9.56 -6.20
N SER A 184 -16.01 -10.20 -7.20
CA SER A 184 -17.28 -9.75 -7.70
C SER A 184 -18.37 -9.83 -6.64
N SER A 185 -18.16 -10.63 -5.59
CA SER A 185 -19.11 -10.69 -4.49
C SER A 185 -19.08 -9.45 -3.61
N GLY A 186 -18.16 -8.51 -3.84
CA GLY A 186 -17.96 -7.40 -2.95
C GLY A 186 -17.10 -7.68 -1.75
N LEU A 187 -16.56 -8.89 -1.60
CA LEU A 187 -15.68 -9.23 -0.50
C LEU A 187 -14.23 -9.33 -0.97
N TYR A 188 -13.30 -9.10 -0.04
CA TYR A 188 -11.88 -9.16 -0.34
C TYR A 188 -11.34 -10.58 -0.18
N SER A 189 -10.22 -10.84 -0.85
CA SER A 189 -9.50 -12.10 -0.72
C SER A 189 -8.01 -11.81 -0.91
N LEU A 190 -7.04 -12.35 -0.14
CA LEU A 190 -5.61 -12.39 -0.40
C LEU A 190 -5.04 -13.75 0.00
N SER A 191 -3.86 -13.86 -0.49
CA SER A 191 -2.96 -14.95 -0.15
C SER A 191 -1.69 -14.41 0.51
N SER A 192 -1.14 -15.21 1.40
CA SER A 192 0.19 -14.97 1.96
C SER A 192 0.98 -16.24 1.77
N VAL A 193 2.14 -16.13 1.14
CA VAL A 193 3.01 -17.27 0.84
C VAL A 193 4.38 -17.03 1.46
N VAL A 194 5.12 -18.12 1.60
CA VAL A 194 6.51 -18.08 2.05
C VAL A 194 7.21 -19.25 1.38
N THR A 195 8.49 -19.06 1.06
CA THR A 195 9.34 -20.12 0.54
C THR A 195 10.39 -20.49 1.58
N VAL A 196 10.59 -21.79 1.77
CA VAL A 196 11.47 -22.31 2.81
C VAL A 196 12.28 -23.45 2.22
N PRO A 197 13.41 -23.79 2.83
CA PRO A 197 14.11 -25.01 2.42
C PRO A 197 13.24 -26.22 2.71
N SER A 198 13.18 -27.13 1.73
CA SER A 198 12.30 -28.29 1.81
C SER A 198 12.58 -29.14 3.05
N SER A 199 13.85 -29.24 3.45
CA SER A 199 14.20 -30.00 4.64
C SER A 199 13.51 -29.46 5.90
N SER A 200 13.23 -28.15 5.93
CA SER A 200 12.61 -27.58 7.13
C SER A 200 11.16 -28.04 7.29
N LEU A 201 10.53 -28.53 6.22
CA LEU A 201 9.17 -29.07 6.35
C LEU A 201 9.11 -30.21 7.35
N GLY A 202 10.21 -30.95 7.53
CA GLY A 202 10.20 -32.06 8.47
C GLY A 202 10.42 -31.67 9.91
N THR A 203 10.96 -30.47 10.16
CA THR A 203 11.33 -30.05 11.50
C THR A 203 10.59 -28.81 11.99
N GLN A 204 10.09 -27.94 11.12
CA GLN A 204 9.50 -26.67 11.53
C GLN A 204 8.02 -26.65 11.19
N THR A 205 7.18 -26.37 12.18
CA THR A 205 5.76 -26.18 11.93
C THR A 205 5.53 -24.77 11.39
N TYR A 206 4.62 -24.67 10.43
CA TYR A 206 4.33 -23.39 9.79
C TYR A 206 2.89 -23.02 10.09
N ILE A 207 2.70 -21.92 10.79
CA ILE A 207 1.39 -21.44 11.20
C ILE A 207 1.23 -20.02 10.70
N CYS A 208 0.17 -19.75 9.96
CA CYS A 208 -0.13 -18.39 9.55
C CYS A 208 -1.12 -17.76 10.55
N ASN A 209 -0.75 -16.59 11.06
CA ASN A 209 -1.57 -15.85 12.01
C ASN A 209 -2.28 -14.73 11.25
N VAL A 210 -3.60 -14.82 11.18
CA VAL A 210 -4.44 -13.87 10.46
C VAL A 210 -5.25 -13.10 11.50
N ASN A 211 -5.25 -11.76 11.40
CA ASN A 211 -6.07 -10.91 12.25
C ASN A 211 -6.93 -10.02 11.37
N HIS A 212 -8.22 -10.00 11.63
CA HIS A 212 -9.14 -9.09 10.94
C HIS A 212 -9.79 -8.25 12.02
N LYS A 213 -9.07 -7.21 12.45
CA LYS A 213 -9.56 -6.35 13.53
C LYS A 213 -10.94 -5.76 13.26
N PRO A 214 -11.31 -5.33 12.05
CA PRO A 214 -12.64 -4.74 11.86
C PRO A 214 -13.80 -5.68 12.19
N SER A 215 -13.61 -6.99 12.20
CA SER A 215 -14.65 -7.91 12.64
C SER A 215 -14.29 -8.66 13.91
N ASN A 216 -13.14 -8.35 14.52
CA ASN A 216 -12.62 -9.10 15.66
C ASN A 216 -12.55 -10.60 15.35
N THR A 217 -12.05 -10.91 14.15
CA THR A 217 -11.75 -12.28 13.77
C THR A 217 -10.25 -12.48 13.81
N LYS A 218 -9.80 -13.50 14.52
CA LYS A 218 -8.38 -13.79 14.63
C LYS A 218 -8.22 -15.30 14.57
N VAL A 219 -7.43 -15.77 13.61
CA VAL A 219 -7.30 -17.20 13.30
C VAL A 219 -5.81 -17.53 13.15
N ASP A 220 -5.41 -18.66 13.72
CA ASP A 220 -4.10 -19.24 13.47
C ASP A 220 -4.32 -20.57 12.74
N LYS A 221 -3.75 -20.72 11.55
CA LYS A 221 -3.98 -21.90 10.74
C LYS A 221 -2.66 -22.63 10.51
N LYS A 222 -2.59 -23.88 10.97
CA LYS A 222 -1.42 -24.69 10.69
C LYS A 222 -1.45 -25.14 9.24
N VAL A 223 -0.31 -25.04 8.57
CA VAL A 223 -0.16 -25.45 7.17
C VAL A 223 0.77 -26.65 7.16
N GLU A 224 0.25 -27.82 6.81
CA GLU A 224 1.00 -29.06 6.79
C GLU A 224 1.04 -29.65 5.38
N PRO A 225 2.03 -30.49 5.09
CA PRO A 225 2.04 -31.18 3.79
C PRO A 225 0.76 -31.97 3.57
N LYS A 226 0.30 -31.99 2.32
CA LYS A 226 -0.94 -32.68 1.97
C LYS A 226 -0.73 -34.18 1.86
N ASP B 2 -7.31 27.77 -7.46
CA ASP B 2 -6.56 26.62 -6.96
C ASP B 2 -5.30 26.40 -7.78
N ILE B 3 -4.16 26.42 -7.12
CA ILE B 3 -2.88 26.25 -7.79
C ILE B 3 -2.66 24.77 -8.08
N GLN B 4 -2.34 24.46 -9.34
CA GLN B 4 -2.01 23.11 -9.76
C GLN B 4 -0.51 22.86 -9.67
N MET B 5 -0.15 21.62 -9.33
CA MET B 5 1.24 21.16 -9.32
C MET B 5 1.33 19.95 -10.23
N THR B 6 1.89 20.14 -11.41
CA THR B 6 1.97 19.10 -12.43
C THR B 6 3.33 18.43 -12.33
N GLN B 7 3.34 17.16 -11.92
CA GLN B 7 4.56 16.43 -11.62
C GLN B 7 4.84 15.40 -12.69
N SER B 8 6.09 15.32 -13.12
CA SER B 8 6.50 14.43 -14.19
C SER B 8 7.90 13.91 -13.91
N PRO B 9 8.21 12.67 -14.32
CA PRO B 9 7.23 11.70 -14.86
C PRO B 9 6.40 11.05 -13.76
N SER B 10 5.33 10.33 -14.14
CA SER B 10 4.53 9.66 -13.13
C SER B 10 5.19 8.40 -12.60
N SER B 11 6.14 7.85 -13.34
CA SER B 11 6.94 6.73 -12.84
C SER B 11 8.25 6.73 -13.59
N LEU B 12 9.21 6.00 -13.04
CA LEU B 12 10.46 5.85 -13.76
C LEU B 12 11.22 4.71 -13.11
N SER B 13 12.00 3.99 -13.90
CA SER B 13 12.81 2.92 -13.39
C SER B 13 14.25 3.21 -13.78
N ALA B 14 15.12 3.23 -12.78
CA ALA B 14 16.48 3.69 -12.91
C ALA B 14 17.41 2.71 -12.21
N SER B 15 18.65 2.65 -12.67
CA SER B 15 19.61 1.76 -12.06
C SER B 15 20.30 2.42 -10.89
N VAL B 16 20.77 1.60 -9.95
CA VAL B 16 21.65 2.10 -8.90
C VAL B 16 22.79 2.89 -9.54
N GLY B 17 23.06 4.08 -9.00
CA GLY B 17 24.08 4.94 -9.52
C GLY B 17 23.62 5.99 -10.53
N ASP B 18 22.37 5.93 -10.99
CA ASP B 18 21.88 6.92 -11.94
C ASP B 18 21.55 8.24 -11.23
N ARG B 19 21.66 9.33 -11.97
CA ARG B 19 21.12 10.62 -11.56
C ARG B 19 19.68 10.69 -12.04
N VAL B 20 18.74 10.93 -11.11
CA VAL B 20 17.33 11.01 -11.50
C VAL B 20 16.79 12.40 -11.19
N THR B 21 15.94 12.90 -12.08
CA THR B 21 15.41 14.25 -12.04
C THR B 21 13.89 14.18 -12.13
N ILE B 22 13.21 14.77 -11.15
CA ILE B 22 11.76 14.82 -11.08
C ILE B 22 11.36 16.29 -11.15
N THR B 23 10.34 16.59 -11.94
CA THR B 23 9.94 17.96 -12.23
C THR B 23 8.52 18.20 -11.76
N CYS B 24 8.29 19.38 -11.21
CA CYS B 24 6.97 19.81 -10.78
C CYS B 24 6.76 21.25 -11.23
N ARG B 25 5.73 21.50 -12.02
CA ARG B 25 5.45 22.83 -12.54
C ARG B 25 4.19 23.38 -11.88
N ALA B 26 4.29 24.60 -11.35
CA ALA B 26 3.16 25.25 -10.69
C ALA B 26 2.34 26.00 -11.72
N SER B 27 1.01 25.82 -11.66
CA SER B 27 0.12 26.51 -12.60
C SER B 27 0.22 28.03 -12.48
N GLN B 28 0.74 28.54 -11.37
CA GLN B 28 1.01 29.96 -11.20
C GLN B 28 2.04 30.09 -10.10
N SER B 29 2.54 31.31 -9.92
CA SER B 29 3.62 31.57 -8.98
C SER B 29 3.33 31.04 -7.58
N VAL B 30 4.26 30.27 -7.04
CA VAL B 30 4.19 29.84 -5.65
C VAL B 30 5.40 30.32 -4.86
N SER B 31 6.07 31.36 -5.36
CA SER B 31 7.31 31.88 -4.76
C SER B 31 8.22 30.68 -4.54
N SER B 32 8.86 30.53 -3.38
CA SER B 32 9.69 29.36 -3.11
C SER B 32 9.04 28.41 -2.10
N ALA B 33 7.71 28.47 -1.92
CA ALA B 33 7.04 27.72 -0.85
C ALA B 33 6.68 26.30 -1.32
N VAL B 34 7.72 25.55 -1.72
CA VAL B 34 7.56 24.20 -2.26
C VAL B 34 8.36 23.23 -1.39
N ALA B 35 7.74 22.10 -1.06
CA ALA B 35 8.41 21.02 -0.34
C ALA B 35 8.40 19.73 -1.17
N TRP B 36 9.37 18.87 -0.90
CA TRP B 36 9.41 17.54 -1.49
C TRP B 36 9.45 16.48 -0.38
N TYR B 37 8.68 15.41 -0.62
CA TYR B 37 8.50 14.27 0.27
C TYR B 37 8.86 12.95 -0.42
N GLN B 38 9.29 11.99 0.39
CA GLN B 38 9.51 10.61 -0.01
C GLN B 38 8.57 9.69 0.75
N GLN B 39 7.89 8.78 0.05
CA GLN B 39 6.94 7.88 0.69
C GLN B 39 7.18 6.45 0.22
N LYS B 40 7.44 5.59 1.14
CA LYS B 40 7.58 4.14 1.06
C LYS B 40 6.20 3.51 1.28
N PRO B 41 5.96 2.35 0.66
CA PRO B 41 4.62 1.75 0.74
C PRO B 41 4.20 1.50 2.18
N GLY B 42 2.97 1.91 2.49
CA GLY B 42 2.40 1.73 3.81
C GLY B 42 3.02 2.57 4.90
N LYS B 43 3.84 3.57 4.55
CA LYS B 43 4.43 4.46 5.53
C LYS B 43 3.95 5.88 5.29
N ALA B 44 4.06 6.71 6.32
CA ALA B 44 3.79 8.14 6.15
C ALA B 44 4.90 8.78 5.30
N PRO B 45 4.61 9.88 4.60
CA PRO B 45 5.66 10.58 3.86
C PRO B 45 6.71 11.16 4.78
N LYS B 46 7.92 11.33 4.25
CA LYS B 46 9.05 11.93 4.97
C LYS B 46 9.55 13.15 4.22
N LEU B 47 9.74 14.24 4.95
CA LEU B 47 10.18 15.50 4.38
C LEU B 47 11.63 15.40 3.90
N LEU B 48 11.87 15.77 2.64
CA LEU B 48 13.20 15.82 2.04
C LEU B 48 13.70 17.23 1.83
N ILE B 49 12.88 18.08 1.23
CA ILE B 49 13.32 19.41 0.79
C ILE B 49 12.24 20.40 1.22
N TYR B 50 12.67 21.57 1.73
CA TYR B 50 11.74 22.62 2.11
C TYR B 50 12.20 23.94 1.49
N SER B 51 11.24 24.86 1.29
CA SER B 51 11.52 26.13 0.64
C SER B 51 12.27 25.93 -0.68
N ALA B 52 11.76 24.98 -1.48
CA ALA B 52 12.25 24.69 -2.82
C ALA B 52 13.67 24.11 -2.88
N SER B 53 14.60 24.56 -2.03
CA SER B 53 15.99 24.17 -2.24
C SER B 53 16.79 23.87 -0.97
N SER B 54 16.19 23.93 0.21
CA SER B 54 16.93 23.65 1.43
C SER B 54 16.75 22.19 1.82
N LEU B 55 17.85 21.52 2.13
CA LEU B 55 17.84 20.12 2.52
C LEU B 55 17.40 20.00 3.98
N TYR B 56 16.40 19.16 4.24
CA TYR B 56 15.94 18.99 5.61
C TYR B 56 16.99 18.24 6.43
N SER B 57 17.03 18.54 7.72
CA SER B 57 18.00 17.93 8.63
C SER B 57 17.97 16.40 8.56
N GLY B 58 19.14 15.80 8.33
CA GLY B 58 19.29 14.36 8.30
C GLY B 58 19.09 13.70 6.95
N VAL B 59 18.72 14.45 5.92
CA VAL B 59 18.54 13.89 4.58
C VAL B 59 19.89 13.86 3.88
N PRO B 60 20.27 12.76 3.22
CA PRO B 60 21.60 12.68 2.59
C PRO B 60 21.82 13.74 1.51
N SER B 61 23.08 14.15 1.34
CA SER B 61 23.41 15.20 0.38
C SER B 61 23.19 14.78 -1.07
N ARG B 62 22.84 13.53 -1.33
CA ARG B 62 22.54 13.19 -2.72
C ARG B 62 21.19 13.73 -3.18
N PHE B 63 20.35 14.21 -2.26
CA PHE B 63 19.08 14.85 -2.62
C PHE B 63 19.29 16.36 -2.71
N SER B 64 18.70 16.98 -3.72
CA SER B 64 18.73 18.44 -3.81
C SER B 64 17.49 18.93 -4.54
N GLY B 65 17.15 20.20 -4.30
CA GLY B 65 16.00 20.81 -4.95
C GLY B 65 16.40 22.13 -5.59
N SER B 66 15.72 22.46 -6.68
CA SER B 66 15.97 23.74 -7.33
C SER B 66 14.68 24.36 -7.86
N ARG B 67 14.69 25.68 -7.96
CA ARG B 67 13.59 26.45 -8.52
C ARG B 67 14.10 27.31 -9.65
N SER B 68 13.37 27.32 -10.76
CA SER B 68 13.52 28.33 -11.81
C SER B 68 12.10 28.83 -12.11
N GLY B 69 11.76 29.98 -11.58
CA GLY B 69 10.42 30.52 -11.78
C GLY B 69 9.38 29.64 -11.15
N THR B 70 8.51 29.06 -11.98
CA THR B 70 7.48 28.15 -11.50
C THR B 70 7.83 26.68 -11.76
N ASP B 71 9.05 26.40 -12.24
CA ASP B 71 9.52 25.03 -12.45
C ASP B 71 10.38 24.61 -11.26
N PHE B 72 10.05 23.48 -10.64
CA PHE B 72 10.77 22.98 -9.48
C PHE B 72 11.32 21.58 -9.78
N THR B 73 12.51 21.29 -9.26
CA THR B 73 13.21 20.07 -9.59
C THR B 73 13.73 19.39 -8.34
N LEU B 74 13.46 18.09 -8.22
CA LEU B 74 14.09 17.24 -7.22
C LEU B 74 15.10 16.38 -7.94
N THR B 75 16.34 16.38 -7.46
CA THR B 75 17.42 15.61 -8.07
C THR B 75 18.00 14.65 -7.05
N ILE B 76 18.19 13.40 -7.45
CA ILE B 76 19.00 12.43 -6.73
C ILE B 76 20.27 12.25 -7.55
N SER B 77 21.40 12.72 -7.00
CA SER B 77 22.66 12.79 -7.75
C SER B 77 23.12 11.41 -8.18
N SER B 78 23.04 10.43 -7.28
CA SER B 78 23.34 9.04 -7.59
C SER B 78 22.35 8.19 -6.81
N LEU B 79 21.59 7.37 -7.52
CA LEU B 79 20.50 6.61 -6.92
C LEU B 79 21.06 5.44 -6.12
N GLN B 80 20.66 5.35 -4.84
CA GLN B 80 20.98 4.23 -3.97
C GLN B 80 19.83 3.24 -3.93
N PRO B 81 20.08 1.99 -3.53
CA PRO B 81 18.98 1.00 -3.49
C PRO B 81 17.87 1.35 -2.50
N GLU B 82 18.17 2.06 -1.43
CA GLU B 82 17.12 2.45 -0.48
C GLU B 82 16.28 3.64 -0.96
N ASP B 83 16.45 4.11 -2.20
CA ASP B 83 15.74 5.27 -2.68
C ASP B 83 14.49 4.94 -3.49
N PHE B 84 14.16 3.68 -3.61
CA PHE B 84 12.94 3.33 -4.28
C PHE B 84 11.85 3.84 -3.38
N ALA B 85 10.88 4.57 -3.92
CA ALA B 85 9.73 5.19 -3.25
C ALA B 85 8.92 5.99 -4.24
N THR B 86 7.92 6.66 -3.74
CA THR B 86 7.13 7.56 -4.51
C THR B 86 7.45 8.94 -3.95
N TYR B 87 7.77 9.89 -4.81
CA TYR B 87 8.16 11.24 -4.40
C TYR B 87 7.07 12.23 -4.79
N TYR B 88 6.79 13.17 -3.90
CA TYR B 88 5.73 14.18 -4.09
C TYR B 88 6.28 15.59 -3.88
N CYS B 89 5.93 16.50 -4.78
CA CYS B 89 6.06 17.93 -4.53
C CYS B 89 4.79 18.44 -3.84
N GLN B 90 4.91 19.59 -3.16
CA GLN B 90 3.78 20.24 -2.50
C GLN B 90 3.98 21.76 -2.53
N GLN B 91 2.93 22.51 -2.86
CA GLN B 91 2.99 23.95 -2.71
C GLN B 91 2.23 24.37 -1.46
N SER B 92 2.83 25.27 -0.68
CA SER B 92 2.22 25.82 0.52
C SER B 92 2.25 27.33 0.47
N TYR B 93 2.04 27.88 -0.73
CA TYR B 93 1.95 29.31 -0.95
C TYR B 93 0.52 29.82 -0.78
N SER B 94 -0.46 29.04 -1.24
CA SER B 94 -1.87 29.40 -1.10
C SER B 94 -2.68 28.18 -0.69
N PHE B 95 -3.73 28.43 0.09
CA PHE B 95 -4.77 27.46 0.43
C PHE B 95 -5.85 27.47 -0.64
N PRO B 96 -6.38 26.30 -1.06
CA PRO B 96 -5.98 24.95 -0.62
C PRO B 96 -4.59 24.57 -1.08
N ASN B 97 -3.91 23.90 -0.15
CA ASN B 97 -2.64 23.27 -0.43
C ASN B 97 -2.77 22.19 -1.51
N THR B 98 -1.75 22.04 -2.36
CA THR B 98 -1.85 21.00 -3.38
C THR B 98 -0.55 20.22 -3.54
N PHE B 99 -0.70 18.90 -3.65
CA PHE B 99 0.39 17.99 -3.91
C PHE B 99 0.46 17.65 -5.39
N GLY B 100 1.68 17.39 -5.87
CA GLY B 100 1.83 16.77 -7.16
C GLY B 100 1.33 15.34 -7.12
N GLU B 101 1.23 14.73 -8.30
CA GLU B 101 0.55 13.45 -8.36
C GLU B 101 1.48 12.30 -7.99
N GLY B 102 2.77 12.55 -7.90
CA GLY B 102 3.65 11.48 -7.47
C GLY B 102 4.53 10.96 -8.60
N THR B 103 5.74 10.57 -8.24
CA THR B 103 6.66 9.91 -9.16
C THR B 103 7.11 8.63 -8.48
N LYS B 104 6.66 7.49 -8.98
CA LYS B 104 7.09 6.22 -8.41
C LYS B 104 8.42 5.82 -9.03
N VAL B 105 9.43 5.64 -8.18
CA VAL B 105 10.79 5.32 -8.58
C VAL B 105 11.05 3.87 -8.21
N GLU B 106 11.27 3.04 -9.21
CA GLU B 106 11.65 1.66 -9.04
C GLU B 106 13.08 1.43 -9.55
N ILE B 107 13.70 0.39 -9.02
CA ILE B 107 15.11 0.11 -9.31
C ILE B 107 15.18 -0.89 -10.46
N LYS B 108 15.96 -0.53 -11.49
CA LYS B 108 16.32 -1.43 -12.57
C LYS B 108 17.09 -2.63 -12.02
N ARG B 109 17.14 -3.70 -12.80
CA ARG B 109 17.66 -4.96 -12.34
C ARG B 109 17.76 -5.89 -13.55
N THR B 110 18.58 -6.94 -13.45
CA THR B 110 18.63 -7.93 -14.52
C THR B 110 17.31 -8.70 -14.60
N VAL B 111 17.02 -9.21 -15.80
CA VAL B 111 15.83 -10.04 -15.99
C VAL B 111 15.95 -11.32 -15.18
N ALA B 112 14.88 -11.69 -14.48
CA ALA B 112 14.85 -12.94 -13.72
C ALA B 112 13.49 -13.61 -13.92
N ALA B 113 13.50 -14.84 -14.42
CA ALA B 113 12.27 -15.58 -14.66
C ALA B 113 11.61 -15.93 -13.34
N PRO B 114 10.27 -16.04 -13.31
CA PRO B 114 9.60 -16.49 -12.09
C PRO B 114 9.93 -17.93 -11.76
N SER B 115 9.95 -18.24 -10.45
CA SER B 115 9.79 -19.61 -10.00
C SER B 115 8.30 -19.80 -9.73
N VAL B 116 7.72 -20.85 -10.29
CA VAL B 116 6.26 -21.00 -10.36
C VAL B 116 5.81 -22.19 -9.51
N PHE B 117 4.80 -21.96 -8.68
CA PHE B 117 4.22 -22.99 -7.83
C PHE B 117 2.71 -22.97 -8.01
N ILE B 118 2.07 -24.13 -7.85
CA ILE B 118 0.62 -24.22 -7.97
C ILE B 118 0.07 -24.94 -6.73
N PHE B 119 -1.08 -24.48 -6.23
CA PHE B 119 -1.68 -25.05 -5.02
C PHE B 119 -3.10 -25.51 -5.31
N PRO B 120 -3.44 -26.76 -5.08
CA PRO B 120 -4.85 -27.18 -5.19
C PRO B 120 -5.67 -26.61 -4.06
N PRO B 121 -7.01 -26.58 -4.21
CA PRO B 121 -7.84 -26.16 -3.08
C PRO B 121 -7.67 -27.11 -1.91
N SER B 122 -7.92 -26.59 -0.70
CA SER B 122 -7.85 -27.40 0.50
C SER B 122 -9.12 -28.23 0.65
N ASP B 123 -9.00 -29.36 1.34
CA ASP B 123 -10.17 -30.16 1.67
C ASP B 123 -11.18 -29.36 2.49
N GLU B 124 -10.69 -28.53 3.41
CA GLU B 124 -11.60 -27.68 4.19
C GLU B 124 -12.45 -26.80 3.30
N GLN B 125 -11.85 -26.15 2.29
CA GLN B 125 -12.64 -25.30 1.40
C GLN B 125 -13.64 -26.11 0.60
N LEU B 126 -13.23 -27.31 0.14
CA LEU B 126 -14.14 -28.14 -0.64
C LEU B 126 -15.37 -28.58 0.14
N LYS B 127 -15.40 -28.40 1.46
CA LYS B 127 -16.65 -28.62 2.18
C LYS B 127 -17.68 -27.52 1.93
N SER B 128 -17.31 -26.45 1.24
CA SER B 128 -18.07 -25.20 1.29
C SER B 128 -18.78 -24.83 -0.01
N GLY B 129 -18.50 -25.51 -1.12
CA GLY B 129 -19.15 -25.21 -2.38
C GLY B 129 -18.31 -24.44 -3.40
N THR B 130 -17.16 -23.90 -2.99
CA THR B 130 -16.26 -23.21 -3.89
C THR B 130 -14.88 -23.82 -3.77
N ALA B 131 -14.11 -23.72 -4.87
CA ALA B 131 -12.75 -24.19 -4.94
C ALA B 131 -11.90 -23.06 -5.48
N SER B 132 -10.79 -22.77 -4.80
CA SER B 132 -9.83 -21.77 -5.23
C SER B 132 -8.52 -22.49 -5.53
N VAL B 133 -8.03 -22.33 -6.75
CA VAL B 133 -6.74 -22.85 -7.18
C VAL B 133 -5.79 -21.67 -7.29
N VAL B 134 -4.59 -21.79 -6.74
CA VAL B 134 -3.69 -20.64 -6.60
C VAL B 134 -2.36 -20.92 -7.30
N CYS B 135 -1.91 -19.96 -8.09
CA CYS B 135 -0.63 -20.01 -8.80
C CYS B 135 0.25 -18.88 -8.30
N LEU B 136 1.44 -19.24 -7.80
CA LEU B 136 2.41 -18.27 -7.30
C LEU B 136 3.57 -18.14 -8.28
N LEU B 137 3.91 -16.90 -8.64
CA LEU B 137 5.08 -16.57 -9.45
C LEU B 137 6.01 -15.80 -8.53
N ASN B 138 7.15 -16.37 -8.20
CA ASN B 138 7.98 -15.86 -7.12
C ASN B 138 9.24 -15.21 -7.66
N ASN B 139 9.47 -13.96 -7.25
CA ASN B 139 10.78 -13.30 -7.37
C ASN B 139 11.23 -13.19 -8.81
N PHE B 140 10.46 -12.48 -9.62
CA PHE B 140 10.80 -12.25 -11.00
C PHE B 140 11.02 -10.76 -11.25
N TYR B 141 11.57 -10.44 -12.41
CA TYR B 141 11.76 -9.08 -12.90
C TYR B 141 11.93 -9.17 -14.41
N PRO B 142 11.30 -8.27 -15.20
CA PRO B 142 10.49 -7.13 -14.79
C PRO B 142 9.09 -7.48 -14.29
N ARG B 143 8.29 -6.46 -13.99
CA ARG B 143 7.01 -6.68 -13.30
C ARG B 143 5.98 -7.35 -14.21
N GLU B 144 6.01 -7.05 -15.51
CA GLU B 144 4.99 -7.56 -16.41
C GLU B 144 5.08 -9.08 -16.52
N ALA B 145 3.95 -9.75 -16.32
CA ALA B 145 3.88 -11.18 -16.45
C ALA B 145 2.45 -11.56 -16.79
N LYS B 146 2.29 -12.70 -17.48
CA LYS B 146 0.99 -13.15 -17.94
C LYS B 146 0.73 -14.56 -17.42
N VAL B 147 -0.47 -14.77 -16.88
CA VAL B 147 -0.89 -16.07 -16.35
C VAL B 147 -2.16 -16.49 -17.07
N GLN B 148 -2.13 -17.70 -17.64
CA GLN B 148 -3.32 -18.31 -18.22
C GLN B 148 -3.61 -19.60 -17.48
N TRP B 149 -4.88 -19.88 -17.26
CA TRP B 149 -5.32 -21.09 -16.58
C TRP B 149 -5.92 -22.06 -17.58
N LYS B 150 -5.61 -23.34 -17.41
CA LYS B 150 -6.23 -24.40 -18.20
C LYS B 150 -6.73 -25.49 -17.27
N VAL B 151 -7.97 -25.92 -17.50
CA VAL B 151 -8.58 -27.05 -16.82
C VAL B 151 -8.82 -28.13 -17.85
N ASP B 152 -8.13 -29.26 -17.70
CA ASP B 152 -8.16 -30.32 -18.70
C ASP B 152 -7.97 -29.75 -20.11
N ASN B 153 -6.96 -28.90 -20.26
CA ASN B 153 -6.54 -28.28 -21.51
C ASN B 153 -7.47 -27.17 -22.00
N ALA B 154 -8.59 -26.90 -21.31
CA ALA B 154 -9.51 -25.86 -21.73
C ALA B 154 -9.09 -24.51 -21.12
N LEU B 155 -8.87 -23.52 -21.97
CA LEU B 155 -8.46 -22.20 -21.51
C LEU B 155 -9.59 -21.52 -20.73
N GLN B 156 -9.27 -21.02 -19.54
CA GLN B 156 -10.23 -20.35 -18.68
C GLN B 156 -10.21 -18.85 -18.93
N SER B 157 -11.37 -18.21 -18.81
CA SER B 157 -11.43 -16.76 -18.87
C SER B 157 -12.49 -16.23 -17.92
N GLY B 158 -12.16 -15.14 -17.23
CA GLY B 158 -13.12 -14.42 -16.41
C GLY B 158 -13.32 -14.98 -15.02
N ASN B 159 -12.66 -16.07 -14.68
CA ASN B 159 -12.80 -16.68 -13.36
C ASN B 159 -11.47 -16.67 -12.61
N SER B 160 -10.60 -15.71 -12.89
CA SER B 160 -9.35 -15.55 -12.14
C SER B 160 -9.05 -14.09 -11.88
N GLN B 161 -8.25 -13.87 -10.83
CA GLN B 161 -7.80 -12.55 -10.42
C GLN B 161 -6.35 -12.65 -9.99
N GLU B 162 -5.60 -11.57 -10.23
CA GLU B 162 -4.17 -11.50 -9.92
C GLU B 162 -3.90 -10.34 -8.96
N SER B 163 -2.80 -10.46 -8.24
CA SER B 163 -2.32 -9.42 -7.35
C SER B 163 -0.80 -9.52 -7.30
N VAL B 164 -0.13 -8.37 -7.22
CA VAL B 164 1.33 -8.26 -7.35
C VAL B 164 1.90 -7.52 -6.14
N THR B 165 3.01 -8.03 -5.60
CA THR B 165 3.63 -7.32 -4.49
C THR B 165 4.35 -6.05 -4.99
N GLU B 166 4.79 -5.24 -4.03
CA GLU B 166 5.70 -4.14 -4.33
C GLU B 166 7.11 -4.70 -4.52
N GLN B 167 7.95 -3.93 -5.19
CA GLN B 167 9.31 -4.38 -5.46
C GLN B 167 10.02 -4.68 -4.14
N ASP B 168 10.68 -5.84 -4.10
CA ASP B 168 11.37 -6.29 -2.90
C ASP B 168 12.62 -5.46 -2.66
N SER B 169 12.88 -5.13 -1.39
CA SER B 169 13.98 -4.23 -1.08
C SER B 169 15.34 -4.93 -1.10
N ALA B 170 15.37 -6.26 -0.94
CA ALA B 170 16.62 -7.01 -0.84
C ALA B 170 17.07 -7.64 -2.16
N ASP B 171 16.16 -7.90 -3.12
CA ASP B 171 16.57 -8.41 -4.41
C ASP B 171 15.92 -7.68 -5.58
N SER B 172 15.07 -6.70 -5.32
CA SER B 172 14.45 -5.85 -6.34
C SER B 172 13.53 -6.61 -7.29
N THR B 173 12.97 -7.75 -6.84
CA THR B 173 12.05 -8.52 -7.67
C THR B 173 10.61 -8.24 -7.27
N TYR B 174 9.69 -8.85 -8.02
CA TYR B 174 8.26 -8.87 -7.73
C TYR B 174 7.79 -10.30 -7.60
N SER B 175 6.67 -10.47 -6.89
CA SER B 175 5.96 -11.74 -6.89
C SER B 175 4.50 -11.49 -7.24
N LEU B 176 3.86 -12.53 -7.78
CA LEU B 176 2.49 -12.44 -8.27
C LEU B 176 1.76 -13.71 -7.85
N SER B 177 0.52 -13.54 -7.41
CA SER B 177 -0.38 -14.65 -7.12
C SER B 177 -1.60 -14.52 -8.02
N SER B 178 -2.01 -15.64 -8.60
CA SER B 178 -3.22 -15.73 -9.42
C SER B 178 -4.14 -16.78 -8.80
N THR B 179 -5.41 -16.43 -8.62
CA THR B 179 -6.35 -17.34 -8.00
C THR B 179 -7.50 -17.65 -8.98
N LEU B 180 -7.68 -18.93 -9.26
CA LEU B 180 -8.76 -19.41 -10.12
C LEU B 180 -9.93 -19.85 -9.25
N THR B 181 -11.10 -19.25 -9.48
CA THR B 181 -12.29 -19.58 -8.69
C THR B 181 -13.22 -20.44 -9.52
N LEU B 182 -13.59 -21.58 -8.97
CA LEU B 182 -14.41 -22.59 -9.62
C LEU B 182 -15.46 -23.06 -8.63
N SER B 183 -16.53 -23.66 -9.13
CA SER B 183 -17.45 -24.30 -8.21
C SER B 183 -16.81 -25.58 -7.69
N LYS B 184 -17.24 -25.99 -6.49
CA LYS B 184 -16.76 -27.25 -5.96
C LYS B 184 -17.03 -28.38 -6.94
N ALA B 185 -18.22 -28.40 -7.55
CA ALA B 185 -18.58 -29.47 -8.46
C ALA B 185 -17.68 -29.47 -9.68
N ASP B 186 -17.41 -28.30 -10.24
CA ASP B 186 -16.56 -28.26 -11.43
C ASP B 186 -15.16 -28.74 -11.09
N TYR B 187 -14.63 -28.31 -9.94
CA TYR B 187 -13.30 -28.75 -9.53
C TYR B 187 -13.25 -30.25 -9.33
N GLU B 188 -14.28 -30.83 -8.69
CA GLU B 188 -14.21 -32.27 -8.41
C GLU B 188 -14.42 -33.13 -9.65
N LYS B 189 -14.93 -32.56 -10.74
CA LYS B 189 -15.14 -33.32 -11.96
C LYS B 189 -13.87 -33.43 -12.79
N HIS B 190 -13.10 -32.35 -12.90
CA HIS B 190 -11.98 -32.29 -13.82
C HIS B 190 -10.68 -32.72 -13.14
N LYS B 191 -9.69 -33.06 -13.97
CA LYS B 191 -8.49 -33.74 -13.51
C LYS B 191 -7.23 -32.88 -13.54
N VAL B 192 -6.93 -32.23 -14.67
CA VAL B 192 -5.63 -31.58 -14.87
C VAL B 192 -5.80 -30.06 -14.79
N TYR B 193 -5.11 -29.46 -13.82
CA TYR B 193 -5.16 -28.04 -13.53
C TYR B 193 -3.79 -27.43 -13.79
N ALA B 194 -3.72 -26.50 -14.74
CA ALA B 194 -2.44 -25.98 -15.21
C ALA B 194 -2.46 -24.46 -15.19
N CYS B 195 -1.34 -23.90 -14.73
CA CYS B 195 -1.04 -22.48 -14.75
C CYS B 195 0.08 -22.26 -15.77
N GLU B 196 -0.15 -21.41 -16.77
CA GLU B 196 0.83 -21.15 -17.82
C GLU B 196 1.29 -19.69 -17.73
N VAL B 197 2.61 -19.50 -17.68
CA VAL B 197 3.22 -18.22 -17.33
C VAL B 197 4.10 -17.76 -18.49
N THR B 198 3.85 -16.54 -18.96
CA THR B 198 4.69 -15.90 -19.96
C THR B 198 5.43 -14.74 -19.32
N HIS B 199 6.74 -14.69 -19.54
CA HIS B 199 7.56 -13.65 -18.92
C HIS B 199 8.86 -13.53 -19.70
N GLN B 200 9.44 -12.33 -19.68
CA GLN B 200 10.61 -12.05 -20.49
C GLN B 200 11.80 -12.93 -20.12
N GLY B 201 11.87 -13.39 -18.87
CA GLY B 201 12.93 -14.30 -18.47
C GLY B 201 12.78 -15.71 -19.00
N LEU B 202 11.69 -16.01 -19.68
CA LEU B 202 11.45 -17.33 -20.27
C LEU B 202 11.34 -17.16 -21.78
N SER B 203 12.02 -18.03 -22.53
CA SER B 203 11.93 -17.91 -23.99
C SER B 203 10.53 -18.29 -24.48
N SER B 204 9.90 -19.27 -23.84
CA SER B 204 8.54 -19.64 -24.16
C SER B 204 7.83 -19.93 -22.84
N PRO B 205 6.50 -19.94 -22.85
CA PRO B 205 5.76 -20.03 -21.57
C PRO B 205 6.04 -21.34 -20.83
N VAL B 206 6.07 -21.24 -19.50
CA VAL B 206 6.25 -22.40 -18.62
C VAL B 206 4.88 -22.78 -18.04
N THR B 207 4.62 -24.08 -17.93
CA THR B 207 3.39 -24.62 -17.37
C THR B 207 3.72 -25.38 -16.10
N LYS B 208 3.03 -25.06 -15.01
CA LYS B 208 3.05 -25.87 -13.80
C LYS B 208 1.64 -26.40 -13.58
N SER B 209 1.52 -27.68 -13.24
CA SER B 209 0.21 -28.30 -13.15
C SER B 209 0.18 -29.36 -12.06
N PHE B 210 -1.03 -29.78 -11.72
CA PHE B 210 -1.25 -30.93 -10.86
C PHE B 210 -2.46 -31.69 -11.35
N ASN B 211 -2.55 -32.94 -10.92
CA ASN B 211 -3.75 -33.75 -11.13
C ASN B 211 -4.50 -33.87 -9.82
N ARG B 212 -5.80 -33.57 -9.86
CA ARG B 212 -6.63 -33.67 -8.67
C ARG B 212 -6.52 -35.06 -8.06
N GLY B 213 -6.15 -35.12 -6.78
CA GLY B 213 -6.01 -36.39 -6.09
C GLY B 213 -4.61 -36.99 -6.07
N GLU B 214 -3.62 -36.36 -6.68
CA GLU B 214 -2.24 -36.85 -6.66
C GLU B 214 -1.73 -37.09 -5.24
#